data_4ER0
#
_entry.id   4ER0
#
_cell.length_a   150.590
_cell.length_b   150.590
_cell.length_c   52.878
_cell.angle_alpha   90.000
_cell.angle_beta   90.000
_cell.angle_gamma   120.000
#
_symmetry.space_group_name_H-M   'P 65'
#
loop_
_entity.id
_entity.type
_entity.pdbx_description
1 polymer 'Histone-lysine N-methyltransferase, H3 lysine-79 specific'
2 non-polymer "5'-[(3-{[(4-tert-butylphenyl)carbamoyl]amino}propyl)(propan-2-yl)amino]-5'-deoxyadenosine"
3 non-polymer 'UNKNOWN ATOM OR ION'
4 water water
#
_entity_poly.entity_id   1
_entity_poly.type   'polypeptide(L)'
_entity_poly.pdbx_seq_one_letter_code
;GMGEKLELRLKSPVGAEPAVYPWPLPVYDKHHDAAHEIIETIRWVCEEIPDLKLAMENYVLIDYDTKSFESMQRLCDKYN
RAIDSIHQLWKGTTQPMKLNTRPSTGLLRHILQQVYNHSVTDPEKLNNYEPFSPEVYGETSFDLVAQMIDEIKMTDDDLF
VDLGSGVGQVVLQVAAATNCKHHYGVEKADIPAKYAETMDREFRKWMKWYGKKHAEYTLERGDFLSEEWRERIANTSVIF
VNNFAFGPEVDHQLKERFANMKEGGRIVSSKPFAPLNFRINSRNLSDIGTIMRVVELSPLKGSVSWTGKPVSYYLHTIDR
TILENYFSSLKNPKLREEQEAARRRQQRESKSNAATPTKGPEGKVAGPADAPMDSGAEEEKAGAATVKKPSPSKARKKKL
NKKGRKMAGRKRGRPKKMNTA
;
_entity_poly.pdbx_strand_id   A
#
loop_
_chem_comp.id
_chem_comp.type
_chem_comp.name
_chem_comp.formula
AW1 non-polymer 5'-[(3-{[(4-tert-butylphenyl)carbamoyl]amino}propyl)(propan-2-yl)amino]-5'-deoxyadenosine 'C27 H40 N8 O4'
UNX non-polymer 'UNKNOWN ATOM OR ION' ?
#
# COMPACT_ATOMS: atom_id res chain seq x y z
N LYS A 5 29.24 -12.37 21.27
CA LYS A 5 27.98 -11.74 20.76
C LYS A 5 28.01 -10.22 21.00
N LEU A 6 28.81 -9.52 20.19
CA LEU A 6 28.74 -8.04 20.12
C LEU A 6 27.48 -7.62 19.37
N GLU A 7 26.85 -6.52 19.82
CA GLU A 7 25.43 -6.19 19.44
C GLU A 7 25.20 -4.69 19.42
N LEU A 8 24.14 -4.28 18.73
CA LEU A 8 23.60 -2.94 18.90
C LEU A 8 22.10 -3.01 19.17
N ARG A 9 21.61 -2.06 19.95
CA ARG A 9 20.23 -2.03 20.40
C ARG A 9 19.66 -0.64 20.21
N LEU A 10 18.43 -0.56 19.73
CA LEU A 10 17.69 0.68 19.75
C LEU A 10 16.45 0.50 20.61
N LYS A 11 16.22 1.46 21.49
CA LYS A 11 15.03 1.43 22.32
C LYS A 11 13.85 1.95 21.53
N SER A 12 12.68 1.33 21.73
CA SER A 12 11.42 1.81 21.15
C SER A 12 11.03 3.12 21.75
N PRO A 13 10.54 4.05 20.95
CA PRO A 13 10.08 5.28 21.55
C PRO A 13 8.86 5.11 22.42
N VAL A 14 8.20 3.96 22.37
CA VAL A 14 6.98 3.74 23.14
C VAL A 14 7.11 2.52 24.05
N GLY A 15 8.33 2.08 24.29
CA GLY A 15 8.58 1.09 25.31
C GLY A 15 8.33 -0.34 24.90
N ALA A 16 8.14 -0.58 23.62
CA ALA A 16 8.15 -1.93 23.11
C ALA A 16 9.54 -2.51 23.29
N GLU A 17 9.68 -3.82 23.10
CA GLU A 17 10.99 -4.47 23.15
C GLU A 17 11.96 -3.83 22.14
N PRO A 18 13.25 -3.70 22.51
CA PRO A 18 14.23 -3.03 21.68
C PRO A 18 14.54 -3.79 20.41
N ALA A 19 14.94 -3.08 19.36
CA ALA A 19 15.50 -3.73 18.17
C ALA A 19 16.96 -4.11 18.44
N VAL A 20 17.28 -5.38 18.20
CA VAL A 20 18.61 -5.92 18.47
C VAL A 20 19.25 -6.36 17.17
N TYR A 21 20.38 -5.75 16.83
CA TYR A 21 21.14 -6.11 15.64
C TYR A 21 22.47 -6.72 16.02
N PRO A 22 22.77 -7.91 15.50
CA PRO A 22 24.08 -8.47 15.75
C PRO A 22 25.18 -7.69 15.03
N TRP A 23 26.37 -7.64 15.63
CA TRP A 23 27.57 -7.20 14.92
C TRP A 23 28.34 -8.46 14.45
N PRO A 24 29.04 -8.35 13.29
CA PRO A 24 28.91 -7.21 12.40
C PRO A 24 27.54 -7.18 11.76
N LEU A 25 27.12 -5.99 11.36
CA LEU A 25 25.74 -5.74 10.94
C LEU A 25 25.46 -6.45 9.62
N PRO A 26 24.26 -7.07 9.50
CA PRO A 26 23.94 -7.76 8.25
C PRO A 26 23.69 -6.83 7.10
N VAL A 27 24.06 -7.27 5.91
CA VAL A 27 23.65 -6.62 4.69
C VAL A 27 22.40 -7.34 4.19
N TYR A 28 21.42 -6.58 3.68
CA TYR A 28 20.16 -7.16 3.17
C TYR A 28 20.29 -7.42 1.65
N ASP A 29 20.66 -6.38 0.92
CA ASP A 29 20.98 -6.51 -0.50
C ASP A 29 21.96 -5.43 -0.91
N LYS A 30 22.23 -5.32 -2.21
CA LYS A 30 23.24 -4.38 -2.71
C LYS A 30 22.95 -2.91 -2.37
N HIS A 31 21.75 -2.63 -1.83
CA HIS A 31 21.40 -1.23 -1.49
C HIS A 31 20.96 -0.99 -0.03
N HIS A 32 20.85 -2.07 0.75
CA HIS A 32 20.32 -1.97 2.10
C HIS A 32 21.09 -2.84 3.09
N ASP A 33 21.49 -2.21 4.20
CA ASP A 33 22.19 -2.91 5.29
C ASP A 33 21.68 -2.43 6.65
N ALA A 34 21.90 -3.24 7.68
CA ALA A 34 21.49 -2.88 9.06
C ALA A 34 21.98 -1.50 9.51
N ALA A 35 23.16 -1.11 9.05
CA ALA A 35 23.76 0.14 9.48
C ALA A 35 22.88 1.29 9.12
N HIS A 36 22.43 1.29 7.90
CA HIS A 36 21.63 2.40 7.43
C HIS A 36 20.17 2.26 7.88
N GLU A 37 19.69 1.04 8.04
CA GLU A 37 18.42 0.84 8.69
C GLU A 37 18.45 1.52 10.07
N ILE A 38 19.50 1.22 10.87
CA ILE A 38 19.71 1.87 12.19
C ILE A 38 19.72 3.38 12.10
N ILE A 39 20.60 3.89 11.26
CA ILE A 39 20.68 5.32 11.11
C ILE A 39 19.34 5.88 10.76
N GLU A 40 18.66 5.25 9.80
CA GLU A 40 17.38 5.78 9.30
C GLU A 40 16.26 5.68 10.37
N THR A 41 16.21 4.57 11.09
CA THR A 41 15.30 4.44 12.21
C THR A 41 15.44 5.60 13.20
N ILE A 42 16.68 5.98 13.50
CA ILE A 42 16.95 7.05 14.46
C ILE A 42 16.44 8.35 13.94
N ARG A 43 16.66 8.60 12.66
CA ARG A 43 16.20 9.85 12.02
CA ARG A 43 16.22 9.86 12.09
C ARG A 43 14.69 9.92 12.04
N TRP A 44 14.04 8.79 11.79
CA TRP A 44 12.56 8.79 11.76
C TRP A 44 11.97 8.89 13.11
N VAL A 45 12.51 8.18 14.08
CA VAL A 45 12.02 8.38 15.45
C VAL A 45 12.21 9.82 15.86
N CYS A 46 13.30 10.47 15.42
CA CYS A 46 13.47 11.93 15.68
C CYS A 46 12.39 12.78 15.03
N GLU A 47 11.80 12.29 13.92
CA GLU A 47 10.70 13.06 13.28
C GLU A 47 9.41 12.87 14.07
N GLU A 48 9.24 11.67 14.62
CA GLU A 48 8.11 11.41 15.54
C GLU A 48 8.14 12.35 16.75
N ILE A 49 9.31 12.67 17.26
CA ILE A 49 9.45 13.34 18.56
C ILE A 49 10.36 14.55 18.51
N PRO A 50 9.79 15.72 18.43
CA PRO A 50 10.61 16.91 18.29
C PRO A 50 11.67 17.06 19.40
N ASP A 51 11.30 16.82 20.65
CA ASP A 51 12.28 16.94 21.74
C ASP A 51 13.47 15.99 21.54
N LEU A 52 13.21 14.79 21.07
CA LEU A 52 14.28 13.86 20.77
C LEU A 52 15.21 14.41 19.69
N LYS A 53 14.62 15.13 18.73
CA LYS A 53 15.37 15.70 17.63
C LYS A 53 16.24 16.81 18.16
N LEU A 54 15.65 17.68 19.00
CA LEU A 54 16.44 18.72 19.70
C LEU A 54 17.63 18.09 20.39
N ALA A 55 17.40 17.02 21.13
CA ALA A 55 18.47 16.40 21.93
C ALA A 55 19.58 15.73 21.09
N MET A 56 19.55 15.88 19.77
CA MET A 56 20.43 15.05 18.91
C MET A 56 21.01 15.85 17.72
N ASP A 63 29.14 11.88 8.53
CA ASP A 63 29.96 12.23 9.69
C ASP A 63 30.18 11.03 10.64
N TYR A 64 29.45 9.93 10.41
CA TYR A 64 29.63 8.70 11.20
C TYR A 64 30.21 7.59 10.35
N ASP A 65 31.03 6.75 10.99
CA ASP A 65 31.71 5.65 10.32
C ASP A 65 30.93 4.38 10.59
N THR A 66 30.13 3.96 9.62
CA THR A 66 29.19 2.83 9.81
C THR A 66 29.92 1.49 9.86
N LYS A 67 31.25 1.53 9.77
CA LYS A 67 32.05 0.32 9.78
C LYS A 67 32.85 0.16 11.09
N SER A 68 32.89 1.22 11.89
CA SER A 68 33.47 1.13 13.23
C SER A 68 32.38 0.77 14.23
N PHE A 69 32.55 -0.34 14.94
CA PHE A 69 31.62 -0.72 15.99
C PHE A 69 31.48 0.38 17.05
N GLU A 70 32.60 0.94 17.48
CA GLU A 70 32.59 1.97 18.53
C GLU A 70 31.84 3.22 18.06
N SER A 71 32.02 3.59 16.79
CA SER A 71 31.33 4.77 16.23
C SER A 71 29.80 4.56 16.17
N MET A 72 29.40 3.31 15.88
CA MET A 72 28.00 2.96 15.74
C MET A 72 27.35 2.85 17.11
N GLN A 73 28.11 2.31 18.08
CA GLN A 73 27.64 2.22 19.48
C GLN A 73 27.50 3.60 20.13
N ARG A 74 28.41 4.51 19.81
CA ARG A 74 28.26 5.90 20.26
C ARG A 74 26.98 6.57 19.70
N LEU A 75 26.52 6.10 18.55
CA LEU A 75 25.28 6.64 17.97
C LEU A 75 24.08 6.02 18.64
N CYS A 76 24.09 4.70 18.82
CA CYS A 76 23.03 4.05 19.52
C CYS A 76 22.87 4.51 20.97
N ASP A 77 23.99 4.53 21.75
CA ASP A 77 23.94 4.94 23.15
C ASP A 77 23.33 6.29 23.16
N LYS A 78 23.81 7.15 22.30
CA LYS A 78 23.37 8.51 22.32
C LYS A 78 21.86 8.63 22.08
N TYR A 79 21.34 7.75 21.22
CA TYR A 79 19.93 7.75 20.89
C TYR A 79 19.17 7.17 22.06
N ASN A 80 19.65 6.03 22.55
CA ASN A 80 19.07 5.39 23.71
C ASN A 80 19.03 6.25 24.99
N ARG A 81 20.03 7.09 25.21
CA ARG A 81 20.01 7.99 26.36
C ARG A 81 19.02 9.07 26.14
N ALA A 82 18.97 9.57 24.91
CA ALA A 82 18.02 10.59 24.56
C ALA A 82 16.58 10.03 24.74
N ILE A 83 16.37 8.76 24.42
CA ILE A 83 15.06 8.14 24.62
C ILE A 83 14.69 8.10 26.10
N ASP A 84 15.58 7.48 26.92
CA ASP A 84 15.43 7.46 28.39
C ASP A 84 15.05 8.83 28.86
N SER A 85 15.79 9.80 28.42
CA SER A 85 15.54 11.14 28.82
C SER A 85 14.16 11.61 28.40
N ILE A 86 13.69 11.15 27.24
CA ILE A 86 12.36 11.53 26.76
C ILE A 86 11.22 10.83 27.55
N HIS A 87 11.43 9.57 27.89
CA HIS A 87 10.47 8.84 28.72
C HIS A 87 10.36 9.45 30.13
N GLN A 88 11.44 10.02 30.62
CA GLN A 88 11.37 10.77 31.87
C GLN A 88 10.54 12.03 31.70
N LEU A 89 10.86 12.83 30.71
CA LEU A 89 10.08 14.04 30.40
C LEU A 89 8.55 13.79 30.37
N TRP A 90 8.14 12.63 29.88
CA TRP A 90 6.72 12.31 29.76
C TRP A 90 6.07 11.98 31.12
N LYS A 91 6.84 11.36 32.00
CA LYS A 91 6.37 11.10 33.38
C LYS A 91 6.12 12.43 34.10
N GLY A 92 6.72 13.51 33.60
CA GLY A 92 6.44 14.84 34.13
C GLY A 92 5.17 15.40 33.54
N THR A 93 5.11 16.71 33.40
CA THR A 93 3.88 17.36 32.95
C THR A 93 3.75 17.30 31.41
N THR A 94 4.87 17.31 30.71
CA THR A 94 4.88 17.10 29.26
C THR A 94 4.07 15.87 28.87
N GLN A 95 3.20 16.03 27.88
CA GLN A 95 2.29 14.98 27.45
C GLN A 95 3.03 14.00 26.56
N PRO A 96 2.83 12.71 26.79
CA PRO A 96 3.46 11.73 25.91
C PRO A 96 2.97 11.83 24.44
N MET A 97 3.79 11.33 23.51
CA MET A 97 3.38 11.13 22.13
C MET A 97 2.07 10.37 22.09
N LYS A 98 1.06 10.96 21.44
CA LYS A 98 -0.23 10.29 21.24
C LYS A 98 0.00 8.98 20.52
N LEU A 99 -0.76 7.96 20.90
CA LEU A 99 -0.42 6.57 20.59
C LEU A 99 -1.26 5.93 19.48
N ASN A 100 -2.27 6.64 19.01
N ASN A 100 -2.23 6.70 19.00
CA ASN A 100 -3.26 6.01 18.11
CA ASN A 100 -3.29 6.17 18.18
C ASN A 100 -3.13 6.45 16.65
C ASN A 100 -3.22 6.73 16.76
N THR A 101 -2.04 7.15 16.31
CA THR A 101 -1.91 7.80 15.03
C THR A 101 -1.45 6.86 13.93
N ARG A 102 -1.58 7.37 12.71
CA ARG A 102 -1.07 6.71 11.55
C ARG A 102 0.28 7.30 11.25
N PRO A 103 1.16 6.50 10.68
CA PRO A 103 2.46 6.98 10.30
C PRO A 103 2.39 7.94 9.16
N SER A 104 3.21 8.99 9.19
CA SER A 104 3.37 9.83 8.02
C SER A 104 3.82 8.97 6.88
N THR A 105 3.67 9.47 5.67
CA THR A 105 4.13 8.76 4.49
C THR A 105 5.60 8.40 4.55
N GLY A 106 6.43 9.41 4.81
CA GLY A 106 7.89 9.21 5.08
C GLY A 106 8.17 8.05 6.03
N LEU A 107 7.54 8.08 7.19
CA LEU A 107 7.84 7.05 8.19
C LEU A 107 7.42 5.72 7.64
N LEU A 108 6.24 5.69 7.05
CA LEU A 108 5.71 4.46 6.47
C LEU A 108 6.65 3.90 5.38
N ARG A 109 7.21 4.77 4.55
CA ARG A 109 8.20 4.28 3.63
C ARG A 109 9.31 3.55 4.36
N HIS A 110 9.91 4.19 5.39
CA HIS A 110 10.96 3.54 6.16
C HIS A 110 10.49 2.25 6.77
N ILE A 111 9.31 2.29 7.39
CA ILE A 111 8.80 1.10 8.07
C ILE A 111 8.67 -0.05 7.08
N LEU A 112 8.18 0.25 5.88
CA LEU A 112 7.99 -0.81 4.90
C LEU A 112 9.34 -1.36 4.38
N GLN A 113 10.28 -0.46 4.10
CA GLN A 113 11.65 -0.88 3.79
C GLN A 113 12.18 -1.78 4.85
N GLN A 114 12.07 -1.33 6.09
CA GLN A 114 12.53 -2.09 7.22
C GLN A 114 11.92 -3.50 7.21
N VAL A 115 10.58 -3.58 7.13
CA VAL A 115 9.88 -4.90 7.14
C VAL A 115 10.34 -5.81 5.99
N TYR A 116 10.44 -5.25 4.82
CA TYR A 116 10.94 -5.98 3.68
C TYR A 116 12.30 -6.63 4.03
N ASN A 117 13.24 -5.80 4.46
CA ASN A 117 14.58 -6.25 4.82
C ASN A 117 14.58 -7.43 5.75
N HIS A 118 13.76 -7.38 6.78
CA HIS A 118 13.73 -8.41 7.78
C HIS A 118 12.92 -9.65 7.35
N SER A 119 12.19 -9.56 6.23
CA SER A 119 11.23 -10.61 5.82
C SER A 119 11.68 -11.35 4.57
N VAL A 120 11.96 -10.59 3.52
CA VAL A 120 12.28 -11.15 2.21
C VAL A 120 13.79 -11.29 2.06
N THR A 121 14.25 -12.52 2.26
CA THR A 121 15.69 -12.82 2.42
C THR A 121 16.38 -13.22 1.08
N ASP A 122 15.66 -13.15 -0.04
CA ASP A 122 16.16 -13.71 -1.29
C ASP A 122 15.35 -13.20 -2.52
N PRO A 123 15.86 -12.15 -3.22
CA PRO A 123 15.22 -11.66 -4.45
C PRO A 123 15.94 -12.14 -5.74
N GLU A 139 10.23 -0.35 -4.90
CA GLU A 139 9.09 0.33 -4.27
C GLU A 139 8.86 1.75 -4.82
N THR A 140 9.12 1.95 -6.14
CA THR A 140 8.55 3.12 -6.90
C THR A 140 7.01 3.06 -6.90
N SER A 141 6.48 1.83 -6.85
CA SER A 141 5.06 1.61 -6.56
C SER A 141 4.63 2.42 -5.33
N PHE A 142 5.45 2.35 -4.26
CA PHE A 142 5.13 3.03 -3.00
C PHE A 142 4.64 4.42 -3.26
N ASP A 143 5.33 5.13 -4.14
CA ASP A 143 5.02 6.53 -4.38
C ASP A 143 3.74 6.67 -5.16
N LEU A 144 3.49 5.72 -6.06
CA LEU A 144 2.27 5.69 -6.84
C LEU A 144 1.11 5.36 -5.98
N VAL A 145 1.25 4.29 -5.21
CA VAL A 145 0.23 3.90 -4.27
C VAL A 145 -0.12 5.07 -3.37
N ALA A 146 0.88 5.80 -2.96
CA ALA A 146 0.70 6.99 -2.15
C ALA A 146 -0.14 8.01 -2.87
N GLN A 147 0.18 8.28 -4.11
CA GLN A 147 -0.64 9.20 -4.91
C GLN A 147 -2.10 8.72 -4.97
N MET A 148 -2.29 7.40 -5.11
CA MET A 148 -3.64 6.84 -5.23
C MET A 148 -4.39 6.93 -3.93
N ILE A 149 -3.72 6.65 -2.83
CA ILE A 149 -4.34 6.81 -1.53
C ILE A 149 -4.90 8.23 -1.33
N ASP A 150 -4.16 9.24 -1.79
CA ASP A 150 -4.60 10.63 -1.65
C ASP A 150 -5.72 11.01 -2.60
N GLU A 151 -5.71 10.48 -3.83
CA GLU A 151 -6.80 10.81 -4.81
C GLU A 151 -8.07 10.03 -4.54
N ILE A 152 -7.93 8.78 -4.15
CA ILE A 152 -9.06 7.88 -3.97
C ILE A 152 -9.57 7.94 -2.54
N LYS A 153 -10.41 8.91 -2.22
CA LYS A 153 -10.87 9.05 -0.81
C LYS A 153 -11.49 7.72 -0.40
N MET A 154 -11.06 7.17 0.76
CA MET A 154 -11.69 5.97 1.34
C MET A 154 -12.20 6.25 2.74
N THR A 155 -13.13 5.44 3.20
CA THR A 155 -13.79 5.67 4.46
C THR A 155 -14.08 4.36 5.08
N ASP A 156 -14.67 4.36 6.28
CA ASP A 156 -14.92 3.11 6.99
C ASP A 156 -15.98 2.27 6.32
N ASP A 157 -16.65 2.82 5.31
CA ASP A 157 -17.58 2.04 4.48
C ASP A 157 -16.86 1.06 3.52
N ASP A 158 -15.58 1.29 3.23
CA ASP A 158 -14.91 0.62 2.08
C ASP A 158 -14.26 -0.71 2.47
N LEU A 159 -14.24 -1.66 1.54
CA LEU A 159 -13.38 -2.83 1.64
C LEU A 159 -12.38 -2.82 0.46
N PHE A 160 -11.10 -2.97 0.79
CA PHE A 160 -10.03 -2.86 -0.18
C PHE A 160 -9.46 -4.21 -0.43
N VAL A 161 -9.15 -4.49 -1.68
CA VAL A 161 -8.46 -5.70 -2.06
C VAL A 161 -7.39 -5.37 -3.08
N ASP A 162 -6.20 -5.98 -2.91
CA ASP A 162 -5.16 -6.02 -3.91
C ASP A 162 -5.13 -7.39 -4.54
N LEU A 163 -5.47 -7.46 -5.83
CA LEU A 163 -5.55 -8.73 -6.53
C LEU A 163 -4.19 -9.13 -7.11
N GLY A 164 -3.64 -10.22 -6.57
CA GLY A 164 -2.28 -10.64 -6.86
C GLY A 164 -1.31 -9.81 -6.04
N SER A 165 -1.28 -10.06 -4.73
CA SER A 165 -0.75 -9.09 -3.78
C SER A 165 0.79 -9.27 -3.46
N GLY A 166 1.40 -10.30 -4.02
CA GLY A 166 2.84 -10.47 -3.90
C GLY A 166 3.23 -10.74 -2.46
N VAL A 167 4.23 -10.01 -1.97
CA VAL A 167 4.64 -10.16 -0.59
C VAL A 167 3.74 -9.35 0.34
N GLY A 168 2.99 -8.39 -0.22
CA GLY A 168 1.92 -7.74 0.54
C GLY A 168 2.10 -6.27 0.72
N GLN A 169 3.07 -5.69 0.06
CA GLN A 169 3.55 -4.41 0.48
C GLN A 169 2.49 -3.34 0.28
N VAL A 170 1.68 -3.51 -0.76
CA VAL A 170 0.66 -2.52 -1.09
C VAL A 170 -0.54 -2.59 -0.12
N VAL A 171 -0.95 -3.78 0.26
CA VAL A 171 -1.99 -3.92 1.31
C VAL A 171 -1.54 -3.21 2.59
N LEU A 172 -0.27 -3.48 2.97
CA LEU A 172 0.31 -2.93 4.20
C LEU A 172 0.35 -1.42 4.14
N GLN A 173 0.85 -0.89 3.05
CA GLN A 173 0.86 0.55 2.87
C GLN A 173 -0.57 1.13 2.98
N VAL A 174 -1.54 0.52 2.28
CA VAL A 174 -2.88 1.10 2.24
C VAL A 174 -3.54 0.92 3.58
N ALA A 175 -3.31 -0.23 4.18
CA ALA A 175 -3.85 -0.53 5.51
C ALA A 175 -3.30 0.43 6.57
N ALA A 176 -2.04 0.86 6.40
CA ALA A 176 -1.45 1.82 7.32
C ALA A 176 -2.06 3.22 7.14
N ALA A 177 -2.49 3.54 5.91
CA ALA A 177 -2.81 4.92 5.57
C ALA A 177 -4.31 5.26 5.67
N THR A 178 -5.19 4.26 5.55
CA THR A 178 -6.64 4.56 5.36
C THR A 178 -7.55 3.99 6.43
N ASN A 179 -8.81 4.43 6.39
CA ASN A 179 -9.89 3.96 7.30
C ASN A 179 -10.68 2.75 6.81
N CYS A 180 -10.32 2.13 5.69
CA CYS A 180 -11.16 1.03 5.21
C CYS A 180 -11.41 0.08 6.35
N LYS A 181 -12.60 -0.49 6.34
CA LYS A 181 -13.01 -1.44 7.34
C LYS A 181 -12.14 -2.70 7.34
N HIS A 182 -11.69 -3.12 6.17
CA HIS A 182 -10.73 -4.23 6.08
C HIS A 182 -10.01 -4.20 4.74
N HIS A 183 -8.80 -4.74 4.73
CA HIS A 183 -7.96 -4.74 3.59
C HIS A 183 -7.52 -6.14 3.36
N TYR A 184 -7.64 -6.65 2.14
CA TYR A 184 -7.15 -7.99 1.85
C TYR A 184 -6.16 -7.96 0.73
N GLY A 185 -5.30 -8.96 0.71
CA GLY A 185 -4.51 -9.27 -0.44
C GLY A 185 -4.58 -10.75 -0.71
N VAL A 186 -4.83 -11.11 -1.96
CA VAL A 186 -4.83 -12.49 -2.36
C VAL A 186 -3.67 -12.74 -3.30
N GLU A 187 -3.01 -13.86 -3.08
CA GLU A 187 -1.82 -14.23 -3.88
C GLU A 187 -1.75 -15.74 -3.98
N LYS A 188 -1.38 -16.24 -5.15
CA LYS A 188 -1.53 -17.67 -5.41
C LYS A 188 -0.22 -18.44 -5.41
N ALA A 189 0.89 -17.78 -5.76
CA ALA A 189 2.20 -18.45 -5.83
C ALA A 189 2.74 -18.78 -4.41
N ASP A 190 3.43 -19.92 -4.29
CA ASP A 190 3.90 -20.43 -2.97
C ASP A 190 4.86 -19.46 -2.31
N ILE A 191 5.86 -19.03 -3.09
CA ILE A 191 6.96 -18.22 -2.58
C ILE A 191 6.42 -16.92 -1.96
N PRO A 192 5.86 -16.01 -2.80
CA PRO A 192 5.39 -14.71 -2.30
C PRO A 192 4.42 -14.85 -1.16
N ALA A 193 3.57 -15.86 -1.21
CA ALA A 193 2.60 -16.06 -0.14
C ALA A 193 3.30 -16.34 1.18
N LYS A 194 4.45 -17.02 1.12
CA LYS A 194 5.19 -17.40 2.32
C LYS A 194 5.86 -16.18 2.92
N TYR A 195 6.64 -15.47 2.12
CA TYR A 195 7.15 -14.20 2.53
C TYR A 195 6.03 -13.34 3.17
N ALA A 196 4.86 -13.32 2.54
CA ALA A 196 3.74 -12.53 3.04
C ALA A 196 3.38 -12.84 4.49
N GLU A 197 3.47 -14.13 4.86
CA GLU A 197 3.22 -14.55 6.26
C GLU A 197 4.22 -13.87 7.20
N THR A 198 5.47 -13.77 6.75
CA THR A 198 6.50 -13.09 7.51
C THR A 198 6.27 -11.59 7.51
N MET A 199 6.14 -11.01 6.32
CA MET A 199 5.90 -9.57 6.19
C MET A 199 4.78 -9.12 7.12
N ASP A 200 3.80 -9.96 7.32
CA ASP A 200 2.74 -9.65 8.25
C ASP A 200 3.23 -9.55 9.70
N ARG A 201 4.02 -10.52 10.13
CA ARG A 201 4.58 -10.53 11.53
C ARG A 201 5.53 -9.34 11.73
N GLU A 202 6.46 -9.16 10.80
CA GLU A 202 7.37 -8.04 10.86
C GLU A 202 6.64 -6.72 10.93
N PHE A 203 5.60 -6.58 10.11
CA PHE A 203 4.89 -5.33 10.01
C PHE A 203 4.27 -4.98 11.32
N ARG A 204 3.51 -5.90 11.91
CA ARG A 204 2.80 -5.61 13.15
C ARG A 204 3.80 -5.28 14.26
N LYS A 205 4.91 -6.00 14.25
CA LYS A 205 5.97 -5.85 15.22
C LYS A 205 6.55 -4.44 15.12
N TRP A 206 6.99 -4.06 13.93
CA TRP A 206 7.56 -2.73 13.76
C TRP A 206 6.57 -1.58 13.94
N MET A 207 5.31 -1.78 13.61
CA MET A 207 4.32 -0.71 13.85
C MET A 207 4.12 -0.51 15.34
N LYS A 208 4.06 -1.60 16.09
CA LYS A 208 4.06 -1.51 17.55
C LYS A 208 5.31 -0.78 18.04
N TRP A 209 6.48 -1.14 17.50
CA TRP A 209 7.74 -0.48 17.89
C TRP A 209 7.64 1.03 17.81
N TYR A 210 7.11 1.56 16.71
CA TYR A 210 7.05 3.01 16.51
C TYR A 210 5.83 3.63 17.14
N GLY A 211 4.90 2.79 17.57
CA GLY A 211 3.69 3.28 18.23
C GLY A 211 2.68 3.86 17.27
N LYS A 212 2.48 3.17 16.14
CA LYS A 212 1.56 3.64 15.14
C LYS A 212 0.45 2.63 14.89
N LYS A 213 -0.70 3.12 14.46
CA LYS A 213 -1.84 2.26 14.15
C LYS A 213 -1.89 1.91 12.67
N HIS A 214 -2.43 0.74 12.38
CA HIS A 214 -2.90 0.40 11.05
C HIS A 214 -4.33 -0.05 11.11
N ALA A 215 -5.05 0.03 9.97
CA ALA A 215 -6.39 -0.56 9.87
C ALA A 215 -6.25 -2.05 9.78
N GLU A 216 -7.35 -2.78 9.92
CA GLU A 216 -7.31 -4.22 9.88
C GLU A 216 -6.93 -4.69 8.49
N TYR A 217 -6.21 -5.79 8.42
CA TYR A 217 -5.95 -6.41 7.17
C TYR A 217 -5.66 -7.90 7.33
N THR A 218 -5.66 -8.59 6.19
CA THR A 218 -5.43 -10.02 6.14
C THR A 218 -4.75 -10.29 4.81
N LEU A 219 -3.65 -11.02 4.84
CA LEU A 219 -3.00 -11.45 3.62
C LEU A 219 -3.21 -12.95 3.44
N GLU A 220 -3.83 -13.34 2.31
CA GLU A 220 -4.36 -14.70 2.12
C GLU A 220 -3.72 -15.36 0.94
N ARG A 221 -3.56 -16.69 0.99
CA ARG A 221 -3.28 -17.46 -0.23
C ARG A 221 -4.61 -17.70 -0.91
N GLY A 222 -4.61 -17.70 -2.24
CA GLY A 222 -5.84 -17.87 -3.01
C GLY A 222 -5.59 -17.63 -4.48
N ASP A 223 -6.55 -18.02 -5.31
CA ASP A 223 -6.62 -17.60 -6.71
C ASP A 223 -7.82 -16.69 -6.86
N PHE A 224 -7.61 -15.46 -7.31
CA PHE A 224 -8.69 -14.47 -7.30
C PHE A 224 -9.66 -14.67 -8.45
N LEU A 225 -9.36 -15.65 -9.30
CA LEU A 225 -10.29 -16.10 -10.32
C LEU A 225 -11.21 -17.22 -9.79
N SER A 226 -11.04 -17.62 -8.55
CA SER A 226 -11.77 -18.76 -7.99
C SER A 226 -13.19 -18.36 -7.61
N GLU A 227 -14.01 -19.37 -7.36
CA GLU A 227 -15.45 -19.18 -7.17
C GLU A 227 -15.73 -18.45 -5.88
N GLU A 228 -14.94 -18.72 -4.85
CA GLU A 228 -15.03 -17.96 -3.60
C GLU A 228 -14.79 -16.46 -3.88
N TRP A 229 -13.80 -16.17 -4.72
CA TRP A 229 -13.41 -14.79 -4.97
C TRP A 229 -14.41 -14.04 -5.85
N ARG A 230 -15.13 -14.79 -6.66
CA ARG A 230 -16.26 -14.23 -7.41
C ARG A 230 -17.17 -13.38 -6.52
N GLU A 231 -17.69 -13.97 -5.45
CA GLU A 231 -18.59 -13.25 -4.56
C GLU A 231 -17.84 -12.11 -3.84
N ARG A 232 -16.58 -12.35 -3.50
CA ARG A 232 -15.80 -11.38 -2.73
C ARG A 232 -15.50 -10.15 -3.55
N ILE A 233 -15.04 -10.36 -4.78
CA ILE A 233 -14.86 -9.24 -5.70
C ILE A 233 -16.13 -8.42 -5.79
N ALA A 234 -17.27 -9.12 -5.95
CA ALA A 234 -18.57 -8.46 -6.09
C ALA A 234 -18.90 -7.54 -4.93
N ASN A 235 -18.40 -7.86 -3.73
CA ASN A 235 -18.68 -7.03 -2.53
C ASN A 235 -17.56 -6.06 -2.12
N THR A 236 -16.48 -6.02 -2.88
CA THR A 236 -15.40 -5.10 -2.62
C THR A 236 -15.70 -3.74 -3.24
N SER A 237 -15.46 -2.67 -2.51
CA SER A 237 -15.67 -1.34 -3.01
C SER A 237 -14.42 -0.71 -3.65
N VAL A 238 -13.23 -1.22 -3.34
CA VAL A 238 -11.97 -0.64 -3.92
C VAL A 238 -11.02 -1.74 -4.20
N ILE A 239 -10.73 -1.93 -5.49
CA ILE A 239 -9.85 -2.95 -5.97
C ILE A 239 -8.66 -2.30 -6.61
N PHE A 240 -7.47 -2.72 -6.23
CA PHE A 240 -6.25 -2.32 -6.93
C PHE A 240 -5.81 -3.53 -7.62
N VAL A 241 -5.35 -3.40 -8.85
CA VAL A 241 -4.82 -4.55 -9.54
C VAL A 241 -3.83 -4.11 -10.53
N ASN A 242 -2.69 -4.76 -10.54
CA ASN A 242 -1.61 -4.38 -11.40
C ASN A 242 -1.54 -5.31 -12.56
N ASN A 243 -2.32 -5.00 -13.60
CA ASN A 243 -2.73 -5.96 -14.63
C ASN A 243 -2.00 -5.76 -15.94
N PHE A 244 -0.96 -4.90 -15.94
CA PHE A 244 -0.30 -4.49 -17.18
C PHE A 244 0.07 -5.68 -18.05
N ALA A 245 0.63 -6.72 -17.45
CA ALA A 245 1.15 -7.84 -18.24
C ALA A 245 0.20 -8.98 -18.21
N PHE A 246 -1.01 -8.72 -17.77
CA PHE A 246 -2.03 -9.75 -17.79
C PHE A 246 -2.41 -10.04 -19.25
N GLY A 247 -2.77 -11.29 -19.52
CA GLY A 247 -3.22 -11.70 -20.84
C GLY A 247 -4.71 -11.50 -21.03
N PRO A 248 -5.18 -11.57 -22.30
CA PRO A 248 -6.61 -11.46 -22.68
C PRO A 248 -7.52 -12.30 -21.82
N GLU A 249 -7.15 -13.57 -21.61
CA GLU A 249 -8.06 -14.48 -20.92
C GLU A 249 -8.27 -13.98 -19.52
N VAL A 250 -7.19 -13.59 -18.85
CA VAL A 250 -7.28 -13.16 -17.47
C VAL A 250 -8.02 -11.86 -17.37
N ASP A 251 -7.68 -10.89 -18.22
CA ASP A 251 -8.38 -9.60 -18.20
C ASP A 251 -9.86 -9.77 -18.45
N HIS A 252 -10.20 -10.68 -19.37
CA HIS A 252 -11.62 -10.98 -19.66
C HIS A 252 -12.34 -11.61 -18.48
N GLN A 253 -11.71 -12.58 -17.85
CA GLN A 253 -12.30 -13.19 -16.67
C GLN A 253 -12.51 -12.11 -15.59
N LEU A 254 -11.65 -11.09 -15.57
CA LEU A 254 -11.70 -10.09 -14.51
C LEU A 254 -12.84 -9.17 -14.76
N LYS A 255 -13.00 -8.78 -16.02
CA LYS A 255 -14.17 -8.04 -16.45
C LYS A 255 -15.46 -8.68 -15.99
N GLU A 256 -15.57 -10.00 -16.10
N GLU A 256 -15.60 -9.99 -16.17
CA GLU A 256 -16.79 -10.73 -15.73
CA GLU A 256 -16.81 -10.67 -15.73
C GLU A 256 -17.02 -10.72 -14.22
C GLU A 256 -17.01 -10.39 -14.25
N ARG A 257 -15.94 -10.60 -13.47
CA ARG A 257 -16.02 -10.45 -12.03
C ARG A 257 -16.43 -9.07 -11.64
N PHE A 258 -15.92 -8.08 -12.35
CA PHE A 258 -16.23 -6.68 -11.99
C PHE A 258 -17.68 -6.35 -12.33
N ALA A 259 -18.23 -7.04 -13.31
CA ALA A 259 -19.64 -6.81 -13.73
C ALA A 259 -20.62 -6.97 -12.56
N ASN A 260 -20.22 -7.72 -11.52
CA ASN A 260 -21.08 -7.93 -10.35
C ASN A 260 -20.90 -6.96 -9.20
N MET A 261 -20.26 -5.82 -9.44
CA MET A 261 -19.84 -4.93 -8.34
C MET A 261 -20.90 -3.90 -8.16
N LYS A 262 -20.95 -3.28 -7.00
CA LYS A 262 -22.02 -2.36 -6.68
C LYS A 262 -21.74 -1.00 -7.26
N GLU A 263 -22.80 -0.26 -7.52
CA GLU A 263 -22.69 1.13 -7.94
C GLU A 263 -21.62 1.87 -7.10
N GLY A 264 -20.82 2.70 -7.75
CA GLY A 264 -19.77 3.46 -7.06
C GLY A 264 -18.55 2.60 -6.66
N GLY A 265 -18.60 1.30 -6.93
CA GLY A 265 -17.38 0.47 -6.82
C GLY A 265 -16.24 1.06 -7.63
N ARG A 266 -15.00 0.82 -7.20
CA ARG A 266 -13.82 1.39 -7.88
C ARG A 266 -12.74 0.38 -8.13
N ILE A 267 -12.11 0.51 -9.28
CA ILE A 267 -10.98 -0.32 -9.67
C ILE A 267 -9.87 0.58 -10.16
N VAL A 268 -8.69 0.44 -9.56
CA VAL A 268 -7.50 1.16 -9.99
C VAL A 268 -6.52 0.16 -10.53
N SER A 269 -6.04 0.40 -11.76
CA SER A 269 -5.19 -0.58 -12.42
C SER A 269 -4.11 0.10 -13.23
N SER A 270 -3.17 -0.70 -13.73
CA SER A 270 -2.11 -0.20 -14.55
C SER A 270 -2.48 -0.32 -16.03
N LYS A 271 -3.51 -1.08 -16.35
CA LYS A 271 -4.02 -1.12 -17.73
C LYS A 271 -5.54 -1.12 -17.66
N PRO A 272 -6.17 -0.24 -18.42
CA PRO A 272 -7.58 -0.04 -18.32
C PRO A 272 -8.39 -1.21 -18.84
N PHE A 273 -9.51 -1.47 -18.21
CA PHE A 273 -10.32 -2.61 -18.53
C PHE A 273 -11.40 -2.26 -19.56
N ALA A 274 -11.51 -0.97 -19.92
CA ALA A 274 -12.48 -0.51 -20.91
C ALA A 274 -11.92 0.70 -21.59
N PRO A 275 -12.38 1.01 -22.80
CA PRO A 275 -11.83 2.23 -23.42
C PRO A 275 -12.19 3.47 -22.63
N LEU A 276 -11.34 4.48 -22.71
CA LEU A 276 -11.55 5.77 -22.04
C LEU A 276 -12.67 6.60 -22.68
N ASN A 277 -12.94 6.38 -23.96
N ASN A 277 -12.86 6.30 -23.98
CA ASN A 277 -14.02 7.15 -24.62
CA ASN A 277 -13.80 6.97 -24.85
C ASN A 277 -15.16 6.28 -25.14
C ASN A 277 -14.83 5.96 -25.35
N PHE A 278 -15.39 5.18 -24.44
CA PHE A 278 -16.41 4.23 -24.80
C PHE A 278 -17.68 4.93 -25.23
N ARG A 279 -18.14 4.62 -26.44
CA ARG A 279 -19.43 5.08 -26.92
C ARG A 279 -20.33 3.88 -27.04
N ILE A 280 -21.40 3.90 -26.28
CA ILE A 280 -22.24 2.74 -26.14
C ILE A 280 -23.16 2.58 -27.36
N ASN A 281 -23.24 1.37 -27.88
CA ASN A 281 -24.03 1.10 -29.07
C ASN A 281 -24.45 -0.38 -29.14
N SER A 282 -25.21 -0.71 -30.19
CA SER A 282 -25.92 -1.97 -30.26
C SER A 282 -24.99 -3.19 -30.40
N ARG A 283 -23.77 -2.97 -30.86
CA ARG A 283 -22.79 -4.05 -31.02
C ARG A 283 -22.03 -4.38 -29.71
N ASN A 284 -22.02 -3.42 -28.77
CA ASN A 284 -21.15 -3.49 -27.57
C ASN A 284 -21.96 -3.42 -26.21
N LEU A 285 -23.28 -3.49 -26.31
CA LEU A 285 -24.20 -3.53 -25.13
C LEU A 285 -23.72 -4.33 -23.93
N SER A 286 -23.09 -5.46 -24.16
CA SER A 286 -22.74 -6.32 -23.05
C SER A 286 -21.30 -6.07 -22.57
N ASP A 287 -20.62 -5.11 -23.16
CA ASP A 287 -19.24 -4.79 -22.75
C ASP A 287 -19.21 -3.98 -21.44
N ILE A 288 -18.18 -4.25 -20.65
CA ILE A 288 -18.05 -3.68 -19.31
C ILE A 288 -18.01 -2.16 -19.31
N GLY A 289 -17.65 -1.55 -20.43
CA GLY A 289 -17.74 -0.11 -20.57
C GLY A 289 -19.16 0.45 -20.52
N THR A 290 -20.14 -0.40 -20.67
CA THR A 290 -21.53 0.04 -20.51
C THR A 290 -21.82 0.43 -19.07
N ILE A 291 -21.05 -0.12 -18.14
CA ILE A 291 -21.34 0.05 -16.73
C ILE A 291 -20.23 0.73 -15.90
N MET A 292 -19.27 1.41 -16.53
CA MET A 292 -18.19 2.07 -15.75
C MET A 292 -17.60 3.28 -16.44
N ARG A 293 -17.41 4.34 -15.65
CA ARG A 293 -16.59 5.47 -16.03
C ARG A 293 -15.14 5.07 -15.89
N VAL A 294 -14.30 5.48 -16.86
CA VAL A 294 -12.88 5.20 -16.83
C VAL A 294 -12.09 6.47 -17.06
N VAL A 295 -11.17 6.78 -16.14
CA VAL A 295 -10.34 7.94 -16.31
C VAL A 295 -8.90 7.59 -16.15
N GLU A 296 -8.05 8.33 -16.87
CA GLU A 296 -6.61 8.25 -16.67
C GLU A 296 -6.22 9.12 -15.49
N LEU A 297 -5.45 8.55 -14.58
CA LEU A 297 -5.01 9.28 -13.40
C LEU A 297 -3.68 9.98 -13.69
N SER A 298 -3.61 11.23 -13.23
CA SER A 298 -2.39 12.03 -13.20
C SER A 298 -1.21 11.14 -12.85
N PRO A 299 -0.18 11.13 -13.71
CA PRO A 299 1.01 10.36 -13.43
C PRO A 299 1.93 11.04 -12.37
N LEU A 300 2.96 10.32 -11.92
CA LEU A 300 3.88 10.85 -10.92
C LEU A 300 5.15 11.42 -11.59
N LYS A 301 5.27 12.76 -11.59
CA LYS A 301 6.43 13.42 -12.22
C LYS A 301 7.71 12.68 -11.83
N GLY A 302 8.58 12.44 -12.82
CA GLY A 302 9.87 11.77 -12.57
C GLY A 302 9.78 10.24 -12.51
N SER A 303 8.57 9.70 -12.65
CA SER A 303 8.38 8.25 -12.81
C SER A 303 8.84 7.79 -14.20
N VAL A 304 9.41 6.58 -14.26
CA VAL A 304 9.77 5.95 -15.55
C VAL A 304 9.81 4.44 -15.37
N SER A 305 8.91 3.74 -16.06
CA SER A 305 8.82 2.27 -15.95
C SER A 305 10.02 1.60 -16.59
N TRP A 306 10.00 0.28 -16.64
CA TRP A 306 11.00 -0.50 -17.38
C TRP A 306 10.87 -0.28 -18.91
N THR A 307 9.70 0.19 -19.35
CA THR A 307 9.47 0.53 -20.77
C THR A 307 10.31 1.74 -21.19
N GLY A 308 10.28 2.79 -20.36
CA GLY A 308 10.86 4.08 -20.72
C GLY A 308 9.80 5.19 -20.70
N LYS A 309 8.54 4.81 -20.87
CA LYS A 309 7.44 5.78 -20.77
C LYS A 309 7.08 6.05 -19.29
N PRO A 310 6.68 7.31 -18.96
CA PRO A 310 6.12 7.63 -17.62
C PRO A 310 4.90 6.76 -17.29
N VAL A 311 4.68 6.51 -16.00
CA VAL A 311 3.68 5.53 -15.57
C VAL A 311 2.34 6.21 -15.36
N SER A 312 1.31 5.66 -16.02
CA SER A 312 -0.10 6.12 -15.86
C SER A 312 -0.98 4.99 -15.28
N TYR A 313 -2.06 5.39 -14.63
CA TYR A 313 -2.91 4.48 -13.90
C TYR A 313 -4.34 4.85 -14.18
N TYR A 314 -5.22 3.87 -14.05
CA TYR A 314 -6.56 4.03 -14.55
C TYR A 314 -7.58 3.73 -13.47
N LEU A 315 -8.51 4.68 -13.28
CA LEU A 315 -9.56 4.56 -12.28
C LEU A 315 -10.91 4.23 -12.94
N HIS A 316 -11.53 3.13 -12.53
CA HIS A 316 -12.83 2.75 -13.05
C HIS A 316 -13.83 2.85 -11.95
N THR A 317 -14.97 3.50 -12.21
CA THR A 317 -16.03 3.63 -11.20
C THR A 317 -17.33 3.00 -11.75
N ILE A 318 -17.86 1.99 -11.04
CA ILE A 318 -19.08 1.35 -11.46
C ILE A 318 -20.21 2.39 -11.52
N ASP A 319 -20.80 2.59 -12.70
CA ASP A 319 -21.80 3.67 -12.92
C ASP A 319 -22.85 3.24 -13.96
N ARG A 320 -23.93 2.66 -13.49
CA ARG A 320 -24.86 2.03 -14.37
C ARG A 320 -25.86 3.00 -14.97
N THR A 321 -25.69 4.32 -14.71
CA THR A 321 -26.51 5.35 -15.35
C THR A 321 -26.16 5.49 -16.82
N ILE A 322 -25.00 4.99 -17.21
CA ILE A 322 -24.56 5.04 -18.60
C ILE A 322 -25.45 4.12 -19.46
N LEU A 323 -25.72 2.95 -18.93
CA LEU A 323 -26.53 1.99 -19.58
C LEU A 323 -28.00 2.48 -19.54
N GLU A 324 -28.42 2.95 -18.36
CA GLU A 324 -29.77 3.52 -18.20
C GLU A 324 -30.09 4.53 -19.28
N ASN A 325 -29.20 5.49 -19.48
CA ASN A 325 -29.48 6.60 -20.36
C ASN A 325 -29.52 6.15 -21.80
N TYR A 326 -28.68 5.18 -22.14
CA TYR A 326 -28.72 4.62 -23.46
C TYR A 326 -30.12 4.03 -23.77
N PHE A 327 -30.65 3.26 -22.83
CA PHE A 327 -31.92 2.60 -23.01
C PHE A 327 -33.07 3.60 -23.04
N SER A 328 -33.00 4.63 -22.21
CA SER A 328 -33.84 5.79 -22.38
C SER A 328 -33.77 6.35 -23.79
N SER A 329 -32.57 6.43 -24.32
CA SER A 329 -32.40 7.06 -25.61
C SER A 329 -33.13 6.20 -26.66
N LEU A 330 -32.95 4.89 -26.58
CA LEU A 330 -33.62 3.96 -27.50
C LEU A 330 -35.13 4.19 -27.56
N LYS A 331 -35.72 4.65 -26.44
CA LYS A 331 -37.18 4.87 -26.35
C LYS A 331 -37.61 6.18 -26.97
N ASN A 332 -36.67 7.09 -27.15
CA ASN A 332 -36.95 8.39 -27.72
C ASN A 332 -36.68 8.41 -29.24
N PRO A 333 -37.75 8.40 -30.07
CA PRO A 333 -37.64 8.27 -31.53
C PRO A 333 -36.67 9.26 -32.18
N LYS A 334 -36.67 10.50 -31.72
CA LYS A 334 -35.66 11.46 -32.20
C LYS A 334 -34.25 10.94 -31.93
N LEU A 335 -33.95 10.73 -30.66
CA LEU A 335 -32.61 10.27 -30.25
C LEU A 335 -32.28 8.92 -30.87
N ARG A 336 -33.31 8.11 -31.10
CA ARG A 336 -33.12 6.84 -31.74
C ARG A 336 -32.63 7.02 -33.19
N GLU A 337 -33.18 8.02 -33.89
CA GLU A 337 -32.82 8.28 -35.29
C GLU A 337 -31.36 8.78 -35.40
N GLU A 338 -31.02 9.80 -34.62
CA GLU A 338 -29.63 10.29 -34.56
C GLU A 338 -28.63 9.09 -34.46
N GLN A 339 -28.58 8.44 -33.30
CA GLN A 339 -27.87 7.16 -33.17
C GLN A 339 -27.99 6.35 -34.47
N GLU A 340 -29.20 5.92 -34.81
CA GLU A 340 -29.44 5.16 -36.06
C GLU A 340 -28.98 5.98 -37.27
N1 AW1 B . -4.76 -15.16 -8.46
C2 AW1 B . -4.00 -14.78 -7.32
N3 AW1 B . -2.74 -14.16 -7.50
C4 AW1 B . -2.30 -13.96 -8.75
C5 AW1 B . -3.04 -14.33 -9.81
C6 AW1 B . -4.23 -14.92 -9.66
N6 AW1 B . -4.85 -15.25 -10.79
N7 AW1 B . -2.35 -14.01 -10.92
C8 AW1 B . -1.20 -13.47 -10.54
N9 AW1 B . -1.17 -13.42 -9.21
CAA AW1 B . 2.02 -7.86 -10.81
CAB AW1 B . -0.29 -8.64 -10.56
CAC AW1 B . -0.26 1.49 -9.44
CAD AW1 B . -2.19 0.22 -10.39
CAE AW1 B . -2.46 1.51 -8.28
OAG AW1 B . 1.78 -4.20 -7.18
OAH AW1 B . 2.67 -12.95 -6.95
OAI AW1 B . 1.54 -14.74 -8.26
CAK AW1 B . -1.84 -2.59 -7.28
CAL AW1 B . 0.50 -1.96 -7.31
CAM AW1 B . -2.16 -1.43 -7.98
CAN AW1 B . 0.18 -0.81 -8.03
CAP AW1 B . 2.23 -6.93 -7.44
CAQ AW1 B . 2.32 -6.54 -5.93
CAR AW1 B . 2.18 -8.42 -7.56
CAS AW1 B . 1.78 -10.17 -9.18
NAW AW1 B . 1.15 -5.73 -5.69
NAX AW1 B . -0.25 -4.01 -6.22
OAY AW1 B . 0.05 -11.54 -8.46
CAZ AW1 B . 0.93 -4.64 -6.41
CBB AW1 B . -0.51 -2.86 -6.92
CBC AW1 B . -1.16 -0.52 -8.35
CBF AW1 B . 0.89 -8.03 -9.81
CBG AW1 B . 2.28 -12.48 -8.28
CBH AW1 B . 1.30 -13.46 -8.85
CBI AW1 B . 1.48 -11.22 -8.11
CBJ AW1 B . -0.08 -12.92 -8.37
NBK AW1 B . 1.26 -8.90 -8.66
CBM AW1 B . -1.50 0.65 -9.09
UNK UNX C . 4.76 10.00 11.83
UNK UNX D . -3.00 -14.71 -13.39
UNK UNX E . 8.51 -3.87 -9.83
#